data_3KZC
#
_entry.id   3KZC
#
_cell.length_a   128.039
_cell.length_b   128.039
_cell.length_c   128.039
_cell.angle_alpha   90.000
_cell.angle_beta   90.000
_cell.angle_gamma   90.000
#
_symmetry.space_group_name_H-M   'I 21 3'
#
loop_
_entity.id
_entity.type
_entity.pdbx_description
1 polymer 'N-acetylornithine carbamoyltransferase'
2 non-polymer 'SULFATE ION'
3 water water
#
_entity_poly.entity_id   1
_entity_poly.type   'polypeptide(L)'
_entity_poly.pdbx_seq_one_letter_code
;MGSSHHHHHHSSGLVPRGSHMSLKHFLNTQDWSRAELDALLTQAALFKRNKLGSELKGKSIALVFFNPSMRTRTSFELGA
FQLGGHAVVLQPGKDAWPIEFNLGTVMDGDTEEHIAEVARVLGRYVDLIGVRAFPKFVDWSKDREDQVLKSFAKYSPVPV
INMETITHPCQELAHALALQEHFGTPDLRGKKYVLTWTYHPKPLNTAVANSALTIATRMGMDVTLLCPTPDYILDERYMD
WAAQNVAESGGSLQVSHDIDSAYAGADVVYAKSWGALPFFGNWEPEKPIRDQYQHFIVDERKMALTNNGVFSHCLPLRRN
V(KCX)ATDAVMDSPNCIAIDEAENRLHVQKAIMAALVGQSRP
;
_entity_poly.pdbx_strand_id   A
#
# COMPACT_ATOMS: atom_id res chain seq x y z
N LEU A 23 -16.49 6.80 13.33
CA LEU A 23 -15.46 7.41 14.21
C LEU A 23 -14.07 6.81 13.98
N LYS A 24 -13.97 5.49 13.97
CA LYS A 24 -12.68 4.85 13.72
C LYS A 24 -12.61 4.50 12.24
N HIS A 25 -11.52 4.92 11.59
CA HIS A 25 -11.31 4.64 10.18
C HIS A 25 -10.05 3.80 9.99
N PHE A 26 -9.83 3.32 8.77
CA PHE A 26 -8.61 2.58 8.47
C PHE A 26 -7.96 3.33 7.33
N LEU A 27 -7.36 4.48 7.66
CA LEU A 27 -6.69 5.33 6.69
C LEU A 27 -5.23 4.95 6.47
N ASN A 28 -4.56 4.57 7.57
CA ASN A 28 -3.15 4.19 7.56
C ASN A 28 -2.91 3.30 8.77
N THR A 29 -1.99 2.35 8.65
CA THR A 29 -1.70 1.46 9.77
C THR A 29 -1.08 2.24 10.92
N GLN A 30 -0.34 3.29 10.57
CA GLN A 30 0.34 4.14 11.54
C GLN A 30 -0.65 4.72 12.55
N ASP A 31 -1.94 4.76 12.19
CA ASP A 31 -2.97 5.29 13.09
C ASP A 31 -3.45 4.26 14.09
N TRP A 32 -3.15 2.99 13.83
CA TRP A 32 -3.59 1.92 14.72
C TRP A 32 -2.48 1.48 15.65
N SER A 33 -2.84 1.06 16.85
CA SER A 33 -1.83 0.60 17.81
C SER A 33 -1.31 -0.72 17.28
N ARG A 34 -0.18 -1.18 17.83
CA ARG A 34 0.39 -2.44 17.38
C ARG A 34 -0.51 -3.63 17.70
N ALA A 35 -1.21 -3.57 18.83
CA ALA A 35 -2.09 -4.65 19.24
C ALA A 35 -3.28 -4.78 18.30
N GLU A 36 -3.78 -3.64 17.81
CA GLU A 36 -4.91 -3.64 16.89
C GLU A 36 -4.48 -4.22 15.56
N LEU A 37 -3.27 -3.89 15.13
CA LEU A 37 -2.77 -4.40 13.85
C LEU A 37 -2.54 -5.90 13.98
N ASP A 38 -2.09 -6.34 15.15
CA ASP A 38 -1.87 -7.77 15.35
C ASP A 38 -3.20 -8.50 15.32
N ALA A 39 -4.22 -7.90 15.90
CA ALA A 39 -5.55 -8.52 15.91
C ALA A 39 -6.14 -8.60 14.50
N LEU A 40 -5.87 -7.59 13.67
CA LEU A 40 -6.36 -7.59 12.30
C LEU A 40 -5.69 -8.72 11.53
N LEU A 41 -4.38 -8.84 11.70
CA LEU A 41 -3.63 -9.89 11.02
C LEU A 41 -4.09 -11.29 11.41
N THR A 42 -4.43 -11.46 12.69
CA THR A 42 -4.91 -12.75 13.18
C THR A 42 -6.32 -13.04 12.66
N GLN A 43 -7.18 -12.03 12.64
CA GLN A 43 -8.53 -12.24 12.10
C GLN A 43 -8.42 -12.61 10.62
N ALA A 44 -7.45 -12.01 9.95
CA ALA A 44 -7.21 -12.27 8.53
C ALA A 44 -6.81 -13.74 8.31
N ALA A 45 -6.00 -14.27 9.22
CA ALA A 45 -5.57 -15.66 9.15
C ALA A 45 -6.75 -16.58 9.39
N LEU A 46 -7.62 -16.17 10.30
CA LEU A 46 -8.82 -16.93 10.63
C LEU A 46 -9.76 -16.95 9.41
N PHE A 47 -9.92 -15.80 8.76
CA PHE A 47 -10.77 -15.74 7.59
C PHE A 47 -10.20 -16.59 6.46
N LYS A 48 -8.88 -16.69 6.41
CA LYS A 48 -8.23 -17.47 5.37
C LYS A 48 -8.54 -18.95 5.54
N ARG A 49 -8.86 -19.35 6.77
CA ARG A 49 -9.21 -20.74 7.06
C ARG A 49 -10.71 -21.01 6.89
N ASN A 50 -11.52 -20.00 7.20
CA ASN A 50 -12.98 -20.09 7.09
C ASN A 50 -13.44 -18.83 6.37
N LYS A 51 -13.50 -18.87 5.04
CA LYS A 51 -13.86 -17.69 4.26
C LYS A 51 -15.30 -17.21 4.34
N LEU A 52 -16.25 -18.12 4.52
CA LEU A 52 -17.65 -17.69 4.58
C LEU A 52 -18.02 -17.34 6.01
N GLY A 53 -18.70 -16.21 6.17
CA GLY A 53 -19.10 -15.77 7.49
C GLY A 53 -20.30 -14.83 7.41
N SER A 54 -20.71 -14.31 8.57
CA SER A 54 -21.85 -13.42 8.62
C SER A 54 -21.53 -12.07 9.24
N GLU A 55 -20.24 -11.76 9.41
CA GLU A 55 -19.84 -10.47 10.01
C GLU A 55 -20.38 -9.25 9.26
N LEU A 56 -20.74 -9.41 7.99
CA LEU A 56 -21.28 -8.29 7.22
C LEU A 56 -22.68 -8.58 6.72
N LYS A 57 -23.35 -9.53 7.35
CA LYS A 57 -24.69 -9.91 6.92
C LYS A 57 -25.64 -8.72 6.78
N GLY A 58 -26.19 -8.54 5.58
CA GLY A 58 -27.10 -7.43 5.38
C GLY A 58 -26.43 -6.07 5.33
N LYS A 59 -25.10 -6.04 5.41
CA LYS A 59 -24.37 -4.77 5.37
C LYS A 59 -23.83 -4.49 3.97
N SER A 60 -23.38 -3.27 3.74
CA SER A 60 -22.84 -2.93 2.43
C SER A 60 -21.67 -1.96 2.53
N ILE A 61 -20.85 -1.97 1.48
CA ILE A 61 -19.71 -1.08 1.41
C ILE A 61 -19.71 -0.42 0.02
N ALA A 62 -19.44 0.88 -0.01
CA ALA A 62 -19.36 1.58 -1.28
C ALA A 62 -17.89 1.65 -1.65
N LEU A 63 -17.52 1.06 -2.78
CA LEU A 63 -16.14 1.07 -3.27
C LEU A 63 -16.01 2.19 -4.31
N VAL A 64 -15.51 3.33 -3.88
CA VAL A 64 -15.35 4.48 -4.75
C VAL A 64 -13.95 4.55 -5.37
N PHE A 65 -13.87 4.19 -6.65
CA PHE A 65 -12.62 4.18 -7.38
C PHE A 65 -12.44 5.39 -8.27
N PHE A 66 -11.57 6.32 -7.86
CA PHE A 66 -11.31 7.48 -8.72
C PHE A 66 -10.32 7.02 -9.78
N ASN A 67 -9.73 5.86 -9.54
CA ASN A 67 -8.78 5.26 -10.47
C ASN A 67 -9.08 3.75 -10.49
N PRO A 68 -9.21 3.18 -11.69
CA PRO A 68 -9.49 1.76 -11.92
C PRO A 68 -8.52 0.79 -11.28
N SER A 69 -9.04 -0.36 -10.83
CA SER A 69 -8.23 -1.39 -10.20
C SER A 69 -9.02 -2.71 -10.15
N MET A 70 -8.69 -3.61 -11.07
CA MET A 70 -9.33 -4.91 -11.17
C MET A 70 -9.13 -5.77 -9.93
N ARG A 71 -7.89 -5.80 -9.45
CA ARG A 71 -7.51 -6.58 -8.29
C ARG A 71 -8.22 -6.12 -7.00
N THR A 72 -8.14 -4.82 -6.72
CA THR A 72 -8.76 -4.26 -5.53
C THR A 72 -10.29 -4.35 -5.58
N ARG A 73 -10.87 -4.19 -6.77
CA ARG A 73 -12.32 -4.26 -6.89
C ARG A 73 -12.76 -5.70 -6.64
N THR A 74 -12.05 -6.64 -7.21
CA THR A 74 -12.37 -8.05 -7.04
C THR A 74 -12.27 -8.53 -5.61
N SER A 75 -11.14 -8.29 -4.95
CA SER A 75 -10.94 -8.73 -3.57
C SER A 75 -11.97 -8.15 -2.60
N PHE A 76 -12.23 -6.85 -2.70
CA PHE A 76 -13.21 -6.20 -1.83
C PHE A 76 -14.63 -6.66 -2.13
N GLU A 77 -14.99 -6.72 -3.39
CA GLU A 77 -16.34 -7.13 -3.76
C GLU A 77 -16.61 -8.56 -3.28
N LEU A 78 -15.68 -9.47 -3.54
CA LEU A 78 -15.81 -10.86 -3.11
C LEU A 78 -15.80 -10.95 -1.59
N GLY A 79 -14.95 -10.14 -0.95
CA GLY A 79 -14.86 -10.13 0.49
C GLY A 79 -16.19 -9.77 1.13
N ALA A 80 -16.87 -8.79 0.56
CA ALA A 80 -18.17 -8.38 1.10
C ALA A 80 -19.18 -9.51 0.91
N PHE A 81 -19.17 -10.11 -0.27
CA PHE A 81 -20.08 -11.20 -0.59
C PHE A 81 -19.92 -12.38 0.35
N GLN A 82 -18.67 -12.79 0.56
CA GLN A 82 -18.37 -13.93 1.43
C GLN A 82 -18.80 -13.73 2.88
N LEU A 83 -18.93 -12.47 3.33
CA LEU A 83 -19.33 -12.20 4.70
C LEU A 83 -20.82 -11.81 4.77
N GLY A 84 -21.57 -12.15 3.72
CA GLY A 84 -22.98 -11.85 3.69
C GLY A 84 -23.37 -10.43 3.34
N GLY A 85 -22.38 -9.62 2.94
CA GLY A 85 -22.67 -8.24 2.59
C GLY A 85 -22.75 -7.99 1.09
N HIS A 86 -22.74 -6.73 0.70
CA HIS A 86 -22.80 -6.37 -0.71
C HIS A 86 -21.94 -5.15 -0.98
N ALA A 87 -21.12 -5.22 -2.02
CA ALA A 87 -20.30 -4.09 -2.36
C ALA A 87 -20.91 -3.38 -3.58
N VAL A 88 -20.99 -2.05 -3.50
CA VAL A 88 -21.49 -1.22 -4.60
C VAL A 88 -20.24 -0.55 -5.18
N VAL A 89 -19.97 -0.81 -6.45
CA VAL A 89 -18.81 -0.23 -7.11
C VAL A 89 -19.14 1.05 -7.86
N LEU A 90 -18.48 2.14 -7.46
CA LEU A 90 -18.67 3.45 -8.04
C LEU A 90 -17.39 3.98 -8.65
N GLN A 91 -17.44 4.30 -9.94
CA GLN A 91 -16.28 4.80 -10.65
C GLN A 91 -16.63 6.14 -11.29
N PRO A 92 -16.50 7.24 -10.55
CA PRO A 92 -16.82 8.57 -11.08
C PRO A 92 -16.10 8.84 -12.39
N GLY A 93 -16.82 8.64 -13.50
CA GLY A 93 -16.25 8.84 -14.81
C GLY A 93 -16.51 7.67 -15.73
N PRO A 98 -15.19 15.22 -11.03
CA PRO A 98 -15.85 16.54 -11.01
C PRO A 98 -16.42 16.87 -9.64
N ILE A 99 -15.68 16.53 -8.59
CA ILE A 99 -16.11 16.79 -7.22
C ILE A 99 -15.26 17.88 -6.58
N GLU A 100 -15.91 18.74 -5.80
CA GLU A 100 -15.22 19.83 -5.12
C GLU A 100 -14.96 19.46 -3.66
N PHE A 101 -13.73 19.65 -3.21
CA PHE A 101 -13.36 19.33 -1.84
C PHE A 101 -13.12 20.59 -1.01
N ASN A 102 -12.85 21.70 -1.69
CA ASN A 102 -12.59 22.97 -1.02
C ASN A 102 -13.84 23.64 -0.47
N LEU A 103 -13.77 24.09 0.78
CA LEU A 103 -14.90 24.75 1.43
C LEU A 103 -15.00 26.23 1.10
N GLY A 104 -16.22 26.75 1.09
CA GLY A 104 -16.43 28.16 0.79
C GLY A 104 -16.04 28.52 -0.63
N THR A 105 -15.94 27.51 -1.48
CA THR A 105 -15.56 27.71 -2.88
C THR A 105 -16.79 27.84 -3.77
N VAL A 106 -16.94 28.99 -4.43
CA VAL A 106 -18.07 29.19 -5.32
C VAL A 106 -17.96 28.18 -6.45
N MET A 107 -18.86 27.20 -6.44
CA MET A 107 -18.85 26.15 -7.44
C MET A 107 -19.40 26.57 -8.80
N ASP A 108 -18.70 27.49 -9.45
CA ASP A 108 -19.09 27.96 -10.77
C ASP A 108 -18.10 27.39 -11.79
N GLY A 109 -17.28 26.46 -11.32
CA GLY A 109 -16.29 25.83 -12.17
C GLY A 109 -16.79 24.57 -12.86
N ASP A 110 -15.97 23.52 -12.83
CA ASP A 110 -16.33 22.26 -13.46
C ASP A 110 -16.77 21.19 -12.46
N THR A 111 -16.98 21.58 -11.21
CA THR A 111 -17.41 20.65 -10.17
C THR A 111 -18.92 20.74 -10.00
N GLU A 112 -19.59 19.58 -10.05
CA GLU A 112 -21.04 19.50 -9.91
C GLU A 112 -21.53 19.42 -8.48
N GLU A 113 -20.79 18.70 -7.63
CA GLU A 113 -21.18 18.55 -6.24
C GLU A 113 -20.00 18.48 -5.29
N HIS A 114 -20.24 18.91 -4.05
CA HIS A 114 -19.22 18.93 -3.01
C HIS A 114 -19.13 17.60 -2.26
N ILE A 115 -17.92 17.21 -1.90
CA ILE A 115 -17.69 15.95 -1.17
C ILE A 115 -18.58 15.90 0.08
N ALA A 116 -18.92 17.07 0.61
CA ALA A 116 -19.79 17.12 1.78
C ALA A 116 -21.07 16.31 1.47
N GLU A 117 -21.74 16.68 0.39
CA GLU A 117 -22.98 16.01 -0.02
C GLU A 117 -22.77 14.55 -0.43
N VAL A 118 -21.67 14.28 -1.12
CA VAL A 118 -21.39 12.91 -1.55
C VAL A 118 -21.20 11.95 -0.37
N ALA A 119 -20.29 12.30 0.55
CA ALA A 119 -20.01 11.47 1.70
C ALA A 119 -21.22 11.29 2.58
N ARG A 120 -21.96 12.38 2.79
CA ARG A 120 -23.14 12.33 3.64
C ARG A 120 -24.27 11.47 3.07
N VAL A 121 -24.47 11.56 1.74
CA VAL A 121 -25.53 10.76 1.12
C VAL A 121 -25.16 9.28 1.12
N LEU A 122 -23.96 8.96 0.67
CA LEU A 122 -23.50 7.57 0.65
C LEU A 122 -23.57 7.01 2.05
N GLY A 123 -23.31 7.86 3.04
CA GLY A 123 -23.32 7.45 4.44
C GLY A 123 -24.70 7.09 4.95
N ARG A 124 -25.74 7.51 4.21
CA ARG A 124 -27.11 7.20 4.60
C ARG A 124 -27.48 5.86 3.97
N TYR A 125 -26.68 5.42 3.01
CA TYR A 125 -26.92 4.17 2.28
C TYR A 125 -26.09 2.97 2.76
N VAL A 126 -24.77 3.12 2.69
CA VAL A 126 -23.84 2.05 3.06
C VAL A 126 -23.26 2.17 4.47
N ASP A 127 -22.72 1.06 4.94
CA ASP A 127 -22.14 1.00 6.28
C ASP A 127 -20.65 1.33 6.29
N LEU A 128 -20.01 1.23 5.13
CA LEU A 128 -18.58 1.52 5.03
C LEU A 128 -18.29 2.14 3.67
N ILE A 129 -17.22 2.93 3.60
CA ILE A 129 -16.83 3.56 2.35
C ILE A 129 -15.34 3.34 2.06
N GLY A 130 -15.05 2.74 0.90
CA GLY A 130 -13.68 2.51 0.51
C GLY A 130 -13.30 3.60 -0.49
N VAL A 131 -12.08 4.10 -0.41
CA VAL A 131 -11.65 5.14 -1.33
C VAL A 131 -10.31 4.85 -1.97
N ARG A 132 -10.28 4.95 -3.30
CA ARG A 132 -9.10 4.73 -4.09
C ARG A 132 -8.89 6.00 -4.92
N ALA A 133 -7.75 6.67 -4.73
CA ALA A 133 -7.47 7.89 -5.49
C ALA A 133 -5.97 8.08 -5.65
N PHE A 134 -5.48 7.76 -6.85
CA PHE A 134 -4.06 7.90 -7.17
C PHE A 134 -3.72 9.38 -7.34
N PRO A 135 -2.48 9.76 -6.98
CA PRO A 135 -2.07 11.16 -7.11
C PRO A 135 -2.00 11.60 -8.58
N LYS A 136 -2.04 12.90 -8.79
CA LYS A 136 -2.01 13.49 -10.13
C LYS A 136 -0.61 13.52 -10.75
N PHE A 137 0.41 13.29 -9.92
CA PHE A 137 1.80 13.30 -10.37
C PHE A 137 2.25 14.65 -10.92
N VAL A 138 1.33 15.62 -10.97
CA VAL A 138 1.66 16.93 -11.47
C VAL A 138 2.26 17.76 -10.34
N ASP A 139 2.17 17.25 -9.11
CA ASP A 139 2.70 17.95 -7.96
C ASP A 139 2.64 17.10 -6.67
N TRP A 140 3.80 16.65 -6.20
CA TRP A 140 3.86 15.84 -4.98
C TRP A 140 3.50 16.74 -3.80
N SER A 141 3.76 18.04 -3.97
CA SER A 141 3.45 19.02 -2.94
C SER A 141 1.98 18.96 -2.59
N LYS A 142 1.12 18.88 -3.61
CA LYS A 142 -0.31 18.81 -3.41
C LYS A 142 -0.75 17.38 -3.05
N ASP A 143 -0.31 16.42 -3.85
CA ASP A 143 -0.66 15.02 -3.63
C ASP A 143 -0.43 14.55 -2.19
N ARG A 144 0.72 14.91 -1.61
CA ARG A 144 1.06 14.50 -0.25
C ARG A 144 0.06 14.97 0.81
N GLU A 145 -0.88 15.81 0.41
CA GLU A 145 -1.89 16.32 1.33
C GLU A 145 -3.00 15.30 1.58
N ASP A 146 -3.14 14.32 0.67
CA ASP A 146 -4.16 13.28 0.81
C ASP A 146 -5.54 13.90 1.01
N GLN A 147 -5.88 14.88 0.16
CA GLN A 147 -7.16 15.60 0.25
C GLN A 147 -8.40 14.74 0.05
N VAL A 148 -8.41 13.90 -0.98
CA VAL A 148 -9.55 13.04 -1.27
C VAL A 148 -9.92 12.15 -0.08
N LEU A 149 -8.94 11.43 0.44
CA LEU A 149 -9.14 10.54 1.57
C LEU A 149 -9.53 11.30 2.84
N LYS A 150 -8.78 12.35 3.16
CA LYS A 150 -9.07 13.15 4.35
C LYS A 150 -10.47 13.76 4.30
N SER A 151 -10.89 14.17 3.11
CA SER A 151 -12.22 14.75 2.96
C SER A 151 -13.28 13.70 3.26
N PHE A 152 -13.16 12.51 2.68
CA PHE A 152 -14.14 11.46 2.97
C PHE A 152 -14.18 11.15 4.46
N ALA A 153 -13.01 10.98 5.08
CA ALA A 153 -12.93 10.67 6.50
C ALA A 153 -13.56 11.74 7.40
N LYS A 154 -13.52 12.99 6.95
CA LYS A 154 -14.07 14.11 7.71
C LYS A 154 -15.58 14.22 7.63
N TYR A 155 -16.13 14.15 6.42
CA TYR A 155 -17.57 14.26 6.23
C TYR A 155 -18.42 13.00 6.36
N SER A 156 -17.80 11.82 6.17
CA SER A 156 -18.52 10.56 6.23
C SER A 156 -19.02 10.14 7.61
N PRO A 157 -20.29 9.72 7.69
CA PRO A 157 -20.83 9.29 9.00
C PRO A 157 -20.47 7.84 9.27
N VAL A 158 -19.83 7.19 8.30
CA VAL A 158 -19.44 5.79 8.47
C VAL A 158 -17.94 5.58 8.21
N PRO A 159 -17.36 4.50 8.77
CA PRO A 159 -15.93 4.23 8.59
C PRO A 159 -15.45 4.28 7.14
N VAL A 160 -14.29 4.89 6.95
CA VAL A 160 -13.68 5.02 5.62
C VAL A 160 -12.46 4.11 5.54
N ILE A 161 -12.23 3.53 4.37
CA ILE A 161 -11.11 2.63 4.16
C ILE A 161 -10.24 3.10 2.99
N ASN A 162 -8.94 3.21 3.26
CA ASN A 162 -7.98 3.61 2.25
C ASN A 162 -7.71 2.42 1.33
N MET A 163 -8.16 2.51 0.08
CA MET A 163 -7.95 1.42 -0.87
C MET A 163 -6.74 1.74 -1.73
N GLU A 164 -6.00 2.78 -1.30
CA GLU A 164 -4.77 3.30 -1.90
C GLU A 164 -4.85 4.72 -2.45
N THR A 165 -4.01 5.59 -1.88
CA THR A 165 -3.90 6.98 -2.31
C THR A 165 -2.39 7.21 -2.35
N ILE A 166 -1.81 7.74 -1.29
CA ILE A 166 -0.37 7.96 -1.25
C ILE A 166 0.31 6.88 -0.41
N THR A 167 -0.53 6.06 0.23
CA THR A 167 -0.07 4.92 1.01
C THR A 167 -1.05 3.79 0.66
N HIS A 168 -0.63 2.55 0.83
CA HIS A 168 -1.48 1.41 0.49
C HIS A 168 -1.53 0.49 1.71
N PRO A 169 -2.21 0.93 2.77
CA PRO A 169 -2.36 0.18 4.03
C PRO A 169 -2.94 -1.24 3.93
N CYS A 170 -3.83 -1.49 2.98
CA CYS A 170 -4.37 -2.86 2.85
C CYS A 170 -3.27 -3.76 2.31
N GLN A 171 -2.45 -3.20 1.42
CA GLN A 171 -1.32 -3.93 0.85
C GLN A 171 -0.30 -4.24 1.95
N GLU A 172 -0.09 -3.29 2.86
CA GLU A 172 0.86 -3.47 3.95
C GLU A 172 0.53 -4.73 4.73
N LEU A 173 -0.73 -4.88 5.11
CA LEU A 173 -1.15 -6.03 5.90
C LEU A 173 -1.12 -7.34 5.10
N ALA A 174 -1.50 -7.28 3.82
CA ALA A 174 -1.47 -8.47 2.97
C ALA A 174 -0.01 -8.92 2.90
N HIS A 175 0.87 -7.95 2.70
CA HIS A 175 2.32 -8.15 2.62
C HIS A 175 2.84 -8.74 3.93
N ALA A 176 2.50 -8.11 5.05
CA ALA A 176 2.95 -8.59 6.37
C ALA A 176 2.47 -10.01 6.68
N LEU A 177 1.22 -10.31 6.32
CA LEU A 177 0.68 -11.64 6.58
C LEU A 177 1.47 -12.67 5.78
N ALA A 178 1.76 -12.35 4.52
CA ALA A 178 2.51 -13.26 3.67
C ALA A 178 3.90 -13.54 4.24
N LEU A 179 4.50 -12.54 4.87
CA LEU A 179 5.83 -12.73 5.45
C LEU A 179 5.73 -13.64 6.67
N GLN A 180 4.69 -13.45 7.48
CA GLN A 180 4.50 -14.27 8.67
C GLN A 180 4.23 -15.72 8.29
N GLU A 181 3.46 -15.94 7.23
CA GLU A 181 3.17 -17.29 6.78
C GLU A 181 4.45 -17.93 6.25
N HIS A 182 5.22 -17.16 5.47
CA HIS A 182 6.46 -17.66 4.90
C HIS A 182 7.48 -18.08 5.95
N PHE A 183 7.68 -17.23 6.95
CA PHE A 183 8.64 -17.52 8.00
C PHE A 183 8.11 -18.39 9.12
N GLY A 184 6.83 -18.74 9.05
CA GLY A 184 6.25 -19.60 10.06
C GLY A 184 6.11 -18.98 11.44
N THR A 185 6.07 -17.66 11.52
CA THR A 185 5.93 -16.98 12.80
C THR A 185 5.40 -15.54 12.65
N PRO A 186 4.69 -15.03 13.66
CA PRO A 186 4.15 -13.67 13.59
C PRO A 186 5.24 -12.64 13.88
N ASP A 187 6.29 -13.06 14.60
CA ASP A 187 7.39 -12.18 14.97
C ASP A 187 8.45 -12.11 13.87
N LEU A 188 8.57 -10.94 13.25
CA LEU A 188 9.52 -10.74 12.17
C LEU A 188 10.82 -10.06 12.56
N ARG A 189 10.97 -9.75 13.85
CA ARG A 189 12.18 -9.09 14.35
C ARG A 189 13.42 -9.90 14.00
N GLY A 190 14.49 -9.21 13.61
CA GLY A 190 15.71 -9.91 13.27
C GLY A 190 15.87 -10.20 11.80
N LYS A 191 14.80 -10.00 11.04
CA LYS A 191 14.84 -10.24 9.60
C LYS A 191 15.42 -9.02 8.88
N LYS A 192 16.23 -9.28 7.86
CA LYS A 192 16.81 -8.19 7.07
C LYS A 192 15.85 -7.92 5.93
N TYR A 193 15.23 -6.74 5.97
CA TYR A 193 14.27 -6.35 4.96
C TYR A 193 14.85 -5.29 4.03
N VAL A 194 14.82 -5.57 2.73
CA VAL A 194 15.34 -4.62 1.76
C VAL A 194 14.25 -4.08 0.84
N LEU A 195 13.94 -2.79 1.00
CA LEU A 195 12.95 -2.15 0.14
C LEU A 195 13.76 -1.52 -0.98
N THR A 196 13.78 -2.17 -2.14
CA THR A 196 14.55 -1.65 -3.25
C THR A 196 13.78 -0.93 -4.35
N TRP A 197 14.36 0.16 -4.82
CA TRP A 197 13.79 0.94 -5.89
C TRP A 197 14.04 0.06 -7.14
N THR A 198 13.23 0.23 -8.17
CA THR A 198 13.41 -0.56 -9.38
C THR A 198 13.12 0.28 -10.63
N TYR A 199 13.76 -0.09 -11.73
CA TYR A 199 13.60 0.62 -12.99
C TYR A 199 12.22 0.55 -13.62
N HIS A 200 11.82 1.64 -14.25
CA HIS A 200 10.54 1.74 -14.93
C HIS A 200 10.65 2.83 -15.98
N PRO A 201 10.04 2.62 -17.16
CA PRO A 201 10.09 3.60 -18.25
C PRO A 201 9.37 4.91 -17.92
N LYS A 202 8.62 4.93 -16.83
CA LYS A 202 7.90 6.12 -16.42
C LYS A 202 7.93 6.31 -14.90
N PRO A 203 7.76 7.55 -14.43
CA PRO A 203 7.77 7.85 -12.99
C PRO A 203 6.50 7.31 -12.33
N LEU A 204 6.67 6.65 -11.19
CA LEU A 204 5.52 6.08 -10.50
C LEU A 204 5.22 6.67 -9.12
N ASN A 205 4.07 6.29 -8.59
CA ASN A 205 3.61 6.73 -7.27
C ASN A 205 4.46 6.09 -6.19
N THR A 206 4.66 6.79 -5.08
CA THR A 206 5.46 6.26 -3.99
C THR A 206 4.61 5.51 -2.96
N ALA A 207 3.30 5.56 -3.14
CA ALA A 207 2.35 4.91 -2.22
C ALA A 207 2.80 3.56 -1.66
N VAL A 208 3.03 2.59 -2.53
CA VAL A 208 3.44 1.27 -2.11
C VAL A 208 4.78 1.31 -1.37
N ALA A 209 5.69 2.14 -1.87
CA ALA A 209 7.01 2.30 -1.24
C ALA A 209 6.86 2.89 0.16
N ASN A 210 6.07 3.94 0.29
CA ASN A 210 5.88 4.55 1.59
C ASN A 210 5.26 3.55 2.57
N SER A 211 4.31 2.75 2.08
CA SER A 211 3.66 1.76 2.93
C SER A 211 4.62 0.65 3.33
N ALA A 212 5.44 0.21 2.39
CA ALA A 212 6.41 -0.85 2.64
C ALA A 212 7.36 -0.47 3.77
N LEU A 213 7.85 0.77 3.73
CA LEU A 213 8.77 1.26 4.76
C LEU A 213 8.03 1.27 6.10
N THR A 214 6.83 1.84 6.09
CA THR A 214 6.01 1.94 7.29
C THR A 214 5.79 0.60 8.00
N ILE A 215 5.27 -0.38 7.27
CA ILE A 215 4.96 -1.68 7.85
C ILE A 215 6.18 -2.56 8.18
N ALA A 216 7.23 -2.50 7.38
CA ALA A 216 8.43 -3.30 7.64
C ALA A 216 9.11 -2.86 8.94
N THR A 217 9.09 -1.56 9.21
CA THR A 217 9.69 -1.03 10.43
C THR A 217 8.75 -1.24 11.61
N ARG A 218 7.46 -1.02 11.39
CA ARG A 218 6.47 -1.21 12.45
C ARG A 218 6.54 -2.65 12.96
N MET A 219 6.89 -3.58 12.07
CA MET A 219 6.97 -4.99 12.44
C MET A 219 8.30 -5.33 13.11
N GLY A 220 9.20 -4.36 13.16
CA GLY A 220 10.49 -4.56 13.80
C GLY A 220 11.60 -5.24 13.01
N MET A 221 11.63 -5.07 11.70
CA MET A 221 12.67 -5.70 10.90
C MET A 221 13.85 -4.76 10.65
N ASP A 222 14.99 -5.33 10.24
CA ASP A 222 16.18 -4.55 9.94
C ASP A 222 15.94 -4.03 8.52
N VAL A 223 15.44 -2.81 8.43
CA VAL A 223 15.12 -2.22 7.13
C VAL A 223 16.17 -1.37 6.43
N THR A 224 16.30 -1.59 5.13
CA THR A 224 17.24 -0.84 4.31
C THR A 224 16.53 -0.34 3.06
N LEU A 225 16.51 0.97 2.88
CA LEU A 225 15.89 1.57 1.70
C LEU A 225 16.98 1.71 0.65
N LEU A 226 16.94 0.84 -0.36
CA LEU A 226 17.93 0.85 -1.42
C LEU A 226 17.43 1.61 -2.65
N CYS A 227 18.07 2.72 -2.97
CA CYS A 227 17.69 3.50 -4.15
C CYS A 227 18.95 4.03 -4.84
N PRO A 228 18.82 4.51 -6.10
CA PRO A 228 19.98 5.03 -6.83
C PRO A 228 20.69 6.22 -6.18
N THR A 229 19.97 7.34 -6.01
CA THR A 229 20.56 8.54 -5.42
C THR A 229 19.66 9.09 -4.31
N PRO A 230 20.25 9.93 -3.43
CA PRO A 230 19.52 10.55 -2.31
C PRO A 230 18.22 11.25 -2.73
N ASP A 231 18.07 11.50 -4.02
CA ASP A 231 16.87 12.15 -4.54
C ASP A 231 15.67 11.22 -4.47
N TYR A 232 15.94 9.92 -4.38
CA TYR A 232 14.88 8.93 -4.31
C TYR A 232 14.42 8.59 -2.89
N ILE A 233 15.03 9.23 -1.90
CA ILE A 233 14.65 8.99 -0.52
C ILE A 233 13.18 9.43 -0.39
N LEU A 234 12.40 8.65 0.36
CA LEU A 234 10.98 8.93 0.54
C LEU A 234 10.68 10.15 1.41
N ASP A 235 9.54 10.79 1.16
CA ASP A 235 9.11 11.96 1.90
C ASP A 235 9.40 11.80 3.40
N GLU A 236 9.77 12.91 4.04
CA GLU A 236 10.09 12.93 5.47
C GLU A 236 9.02 12.31 6.33
N ARG A 237 7.76 12.53 5.98
CA ARG A 237 6.63 12.00 6.74
C ARG A 237 6.84 10.52 7.03
N TYR A 238 7.19 9.77 6.00
CA TYR A 238 7.41 8.33 6.11
C TYR A 238 8.76 7.96 6.70
N MET A 239 9.76 8.80 6.47
CA MET A 239 11.08 8.55 7.04
C MET A 239 10.94 8.70 8.55
N ASP A 240 10.15 9.69 8.99
CA ASP A 240 9.95 9.90 10.42
C ASP A 240 9.13 8.76 10.98
N TRP A 241 8.11 8.34 10.22
CA TRP A 241 7.27 7.23 10.64
C TRP A 241 8.15 6.01 10.91
N ALA A 242 9.00 5.69 9.94
CA ALA A 242 9.90 4.55 10.04
C ALA A 242 10.78 4.66 11.27
N ALA A 243 11.42 5.82 11.44
CA ALA A 243 12.30 6.05 12.58
C ALA A 243 11.53 5.84 13.88
N GLN A 244 10.37 6.47 13.97
CA GLN A 244 9.53 6.33 15.15
C GLN A 244 9.13 4.89 15.38
N ASN A 245 8.97 4.12 14.30
CA ASN A 245 8.58 2.72 14.42
C ASN A 245 9.76 1.83 14.82
N VAL A 246 10.95 2.18 14.34
CA VAL A 246 12.15 1.42 14.67
C VAL A 246 12.31 1.43 16.18
N ALA A 247 12.14 2.62 16.77
CA ALA A 247 12.27 2.78 18.21
C ALA A 247 11.26 1.92 18.97
N GLU A 248 10.04 1.87 18.48
CA GLU A 248 8.98 1.10 19.12
C GLU A 248 9.13 -0.41 18.96
N SER A 249 9.52 -0.84 17.75
CA SER A 249 9.66 -2.25 17.45
C SER A 249 10.99 -2.91 17.77
N GLY A 250 12.04 -2.12 17.96
CA GLY A 250 13.33 -2.68 18.26
C GLY A 250 14.07 -3.12 17.01
N GLY A 251 13.67 -2.58 15.86
CA GLY A 251 14.32 -2.92 14.61
C GLY A 251 15.35 -1.88 14.22
N SER A 252 15.57 -1.73 12.92
CA SER A 252 16.55 -0.75 12.44
C SER A 252 16.21 -0.24 11.05
N LEU A 253 16.63 0.99 10.77
CA LEU A 253 16.40 1.62 9.47
C LEU A 253 17.75 2.04 8.91
N GLN A 254 17.85 2.15 7.58
CA GLN A 254 19.11 2.51 6.95
C GLN A 254 18.91 2.82 5.47
N VAL A 255 19.48 3.92 5.00
CA VAL A 255 19.39 4.29 3.59
C VAL A 255 20.66 3.84 2.91
N SER A 256 20.54 3.28 1.72
CA SER A 256 21.70 2.79 0.99
C SER A 256 21.62 3.06 -0.51
N HIS A 257 22.78 3.10 -1.15
CA HIS A 257 22.85 3.34 -2.58
C HIS A 257 23.75 2.30 -3.25
N ASP A 258 24.08 1.25 -2.52
CA ASP A 258 24.92 0.18 -3.04
C ASP A 258 24.15 -1.13 -3.12
N ILE A 259 23.81 -1.53 -4.34
CA ILE A 259 23.06 -2.75 -4.60
C ILE A 259 23.59 -4.01 -3.91
N ASP A 260 24.81 -4.42 -4.24
CA ASP A 260 25.40 -5.62 -3.66
C ASP A 260 25.42 -5.70 -2.13
N SER A 261 25.77 -4.60 -1.46
CA SER A 261 25.81 -4.60 0.00
C SER A 261 24.40 -4.69 0.61
N ALA A 262 23.43 -4.09 -0.06
CA ALA A 262 22.05 -4.10 0.41
C ALA A 262 21.47 -5.51 0.40
N TYR A 263 21.62 -6.21 -0.73
CA TYR A 263 21.10 -7.57 -0.86
C TYR A 263 21.76 -8.58 0.07
N ALA A 264 23.07 -8.45 0.26
CA ALA A 264 23.83 -9.37 1.10
C ALA A 264 23.13 -9.81 2.38
N GLY A 265 22.98 -11.13 2.53
CA GLY A 265 22.35 -11.70 3.73
C GLY A 265 20.93 -11.25 4.03
N ALA A 266 20.22 -10.77 3.02
CA ALA A 266 18.85 -10.31 3.19
C ALA A 266 17.84 -11.46 3.24
N ASP A 267 16.82 -11.30 4.08
CA ASP A 267 15.79 -12.32 4.23
C ASP A 267 14.60 -11.98 3.33
N VAL A 268 14.36 -10.69 3.12
CA VAL A 268 13.25 -10.23 2.30
C VAL A 268 13.66 -9.11 1.34
N VAL A 269 13.22 -9.21 0.09
CA VAL A 269 13.49 -8.19 -0.91
C VAL A 269 12.15 -7.75 -1.51
N TYR A 270 11.84 -6.47 -1.37
CA TYR A 270 10.61 -5.93 -1.91
C TYR A 270 10.95 -4.86 -2.95
N ALA A 271 10.52 -5.09 -4.19
CA ALA A 271 10.80 -4.17 -5.27
C ALA A 271 9.62 -3.23 -5.56
N LYS A 272 9.95 -1.99 -5.90
CA LYS A 272 8.93 -0.99 -6.22
C LYS A 272 9.57 0.20 -6.92
N SER A 273 8.95 0.63 -8.01
CA SER A 273 9.45 1.75 -8.79
C SER A 273 8.73 3.02 -8.36
N TRP A 274 9.43 4.16 -8.42
CA TRP A 274 8.84 5.44 -8.05
C TRP A 274 9.72 6.61 -8.48
N GLY A 275 9.08 7.66 -8.99
CA GLY A 275 9.82 8.83 -9.43
C GLY A 275 10.30 9.65 -8.25
N ALA A 276 11.56 10.08 -8.30
CA ALA A 276 12.14 10.89 -7.23
C ALA A 276 11.21 12.05 -6.94
N LEU A 277 10.94 12.30 -5.66
CA LEU A 277 10.05 13.38 -5.27
C LEU A 277 10.47 14.78 -5.72
N PRO A 278 11.78 15.06 -5.74
CA PRO A 278 12.24 16.39 -6.16
C PRO A 278 11.97 16.73 -7.63
N PHE A 279 11.48 15.75 -8.39
CA PHE A 279 11.21 15.96 -9.81
C PHE A 279 9.72 16.00 -10.16
N PHE A 280 8.87 16.04 -9.14
CA PHE A 280 7.43 16.08 -9.38
C PHE A 280 6.97 17.35 -10.06
N GLY A 281 6.38 17.18 -11.25
CA GLY A 281 5.89 18.31 -12.01
C GLY A 281 6.45 18.27 -13.43
N ASN A 282 7.74 17.94 -13.53
CA ASN A 282 8.41 17.86 -14.82
C ASN A 282 9.20 16.55 -14.90
N TRP A 283 8.70 15.61 -15.69
CA TRP A 283 9.35 14.31 -15.83
C TRP A 283 10.09 14.14 -17.15
N GLU A 284 10.82 15.16 -17.56
CA GLU A 284 11.59 15.11 -18.80
C GLU A 284 13.07 14.87 -18.50
N PRO A 285 13.70 15.74 -17.71
CA PRO A 285 15.12 15.58 -17.38
C PRO A 285 15.37 14.36 -16.48
N GLU A 286 14.29 13.74 -16.03
CA GLU A 286 14.40 12.57 -15.17
C GLU A 286 14.41 11.28 -15.98
N LYS A 287 13.77 11.30 -17.15
CA LYS A 287 13.72 10.12 -18.01
C LYS A 287 15.13 9.59 -18.26
N PRO A 288 16.09 10.48 -18.56
CA PRO A 288 17.47 10.02 -18.82
C PRO A 288 18.17 9.58 -17.53
N ILE A 289 17.73 10.13 -16.41
CA ILE A 289 18.30 9.79 -15.11
C ILE A 289 17.90 8.39 -14.66
N ARG A 290 16.61 8.07 -14.82
CA ARG A 290 16.12 6.75 -14.43
C ARG A 290 16.62 5.66 -15.37
N ASP A 291 16.71 6.00 -16.66
CA ASP A 291 17.16 5.05 -17.68
C ASP A 291 18.60 4.56 -17.52
N GLN A 292 19.42 5.31 -16.80
CA GLN A 292 20.80 4.92 -16.58
C GLN A 292 20.88 3.99 -15.38
N TYR A 293 19.72 3.73 -14.77
CA TYR A 293 19.66 2.86 -13.60
C TYR A 293 18.78 1.63 -13.84
N GLN A 294 18.71 1.19 -15.09
CA GLN A 294 17.90 0.02 -15.43
C GLN A 294 18.54 -1.27 -14.93
N HIS A 295 19.64 -1.14 -14.21
CA HIS A 295 20.35 -2.30 -13.67
C HIS A 295 19.85 -2.65 -12.26
N PHE A 296 19.05 -1.75 -11.69
CA PHE A 296 18.50 -1.98 -10.35
C PHE A 296 17.43 -3.08 -10.40
N ILE A 297 17.26 -3.68 -11.57
CA ILE A 297 16.28 -4.75 -11.74
C ILE A 297 16.70 -5.94 -10.88
N VAL A 298 15.73 -6.53 -10.18
CA VAL A 298 16.02 -7.68 -9.33
C VAL A 298 16.15 -8.94 -10.18
N ASP A 299 17.31 -9.57 -10.08
CA ASP A 299 17.61 -10.79 -10.83
C ASP A 299 18.28 -11.83 -9.94
N GLU A 300 18.50 -13.02 -10.50
CA GLU A 300 19.11 -14.12 -9.76
C GLU A 300 20.48 -13.76 -9.18
N ARG A 301 21.22 -12.91 -9.90
CA ARG A 301 22.54 -12.50 -9.44
C ARG A 301 22.41 -11.79 -8.09
N LYS A 302 21.43 -10.90 -8.00
CA LYS A 302 21.21 -10.15 -6.77
C LYS A 302 20.58 -11.03 -5.69
N MET A 303 19.49 -11.72 -6.04
CA MET A 303 18.80 -12.58 -5.09
C MET A 303 19.72 -13.63 -4.48
N ALA A 304 20.68 -14.09 -5.28
CA ALA A 304 21.63 -15.11 -4.81
C ALA A 304 22.52 -14.58 -3.69
N LEU A 305 22.62 -13.26 -3.59
CA LEU A 305 23.43 -12.62 -2.57
C LEU A 305 22.75 -12.63 -1.21
N THR A 306 21.42 -12.71 -1.21
CA THR A 306 20.66 -12.71 0.03
C THR A 306 20.77 -14.05 0.75
N ASN A 307 20.19 -14.12 1.94
CA ASN A 307 20.18 -15.33 2.75
C ASN A 307 18.96 -16.15 2.34
N ASN A 308 18.94 -16.60 1.09
CA ASN A 308 17.82 -17.38 0.57
C ASN A 308 16.57 -16.55 0.88
N GLY A 309 16.66 -15.25 0.59
CA GLY A 309 15.55 -14.35 0.85
C GLY A 309 14.41 -14.48 -0.14
N VAL A 310 13.23 -14.03 0.28
CA VAL A 310 12.07 -14.10 -0.59
C VAL A 310 11.86 -12.81 -1.34
N PHE A 311 11.25 -12.91 -2.51
CA PHE A 311 10.97 -11.74 -3.33
C PHE A 311 9.46 -11.53 -3.45
N SER A 312 9.05 -10.28 -3.49
CA SER A 312 7.64 -9.97 -3.62
C SER A 312 7.48 -8.59 -4.23
N HIS A 313 6.31 -8.37 -4.83
CA HIS A 313 5.94 -7.12 -5.48
C HIS A 313 4.42 -6.99 -5.32
N CYS A 314 3.92 -5.76 -5.29
CA CYS A 314 2.50 -5.52 -5.11
C CYS A 314 1.65 -5.72 -6.36
N LEU A 315 2.29 -5.69 -7.53
CA LEU A 315 1.60 -5.84 -8.80
C LEU A 315 0.79 -4.57 -9.11
N PRO A 316 0.62 -4.25 -10.41
CA PRO A 316 1.13 -5.00 -11.56
C PRO A 316 2.64 -4.92 -11.71
N LEU A 317 3.24 -5.98 -12.23
CA LEU A 317 4.68 -6.02 -12.43
C LEU A 317 5.08 -6.27 -13.88
N ARG A 318 5.93 -5.38 -14.41
CA ARG A 318 6.42 -5.50 -15.78
C ARG A 318 7.58 -6.48 -15.76
N ARG A 319 7.36 -7.67 -16.31
CA ARG A 319 8.41 -8.69 -16.35
C ARG A 319 9.61 -8.26 -17.18
N ASN A 320 10.80 -8.60 -16.68
CA ASN A 320 12.06 -8.26 -17.35
C ASN A 320 12.33 -6.76 -17.36
N VAL A 321 11.82 -6.07 -16.35
CA VAL A 321 12.01 -4.63 -16.23
C VAL A 321 12.20 -4.30 -14.76
N ALA A 323 11.61 -6.91 -12.49
CA ALA A 323 12.09 -8.21 -12.04
C ALA A 323 12.14 -9.16 -13.23
N THR A 324 13.15 -10.02 -13.26
CA THR A 324 13.31 -10.97 -14.36
C THR A 324 12.33 -12.14 -14.25
N ASP A 325 11.99 -12.72 -15.39
CA ASP A 325 11.07 -13.86 -15.44
C ASP A 325 11.57 -14.97 -14.53
N ALA A 326 12.88 -15.09 -14.41
CA ALA A 326 13.49 -16.12 -13.57
C ALA A 326 13.13 -15.90 -12.10
N VAL A 327 13.26 -14.67 -11.63
CA VAL A 327 12.95 -14.35 -10.24
C VAL A 327 11.46 -14.52 -9.95
N MET A 328 10.63 -14.06 -10.88
CA MET A 328 9.18 -14.16 -10.73
C MET A 328 8.68 -15.60 -10.61
N ASP A 329 9.16 -16.47 -11.50
CA ASP A 329 8.76 -17.86 -11.49
C ASP A 329 9.48 -18.69 -10.46
N SER A 330 10.33 -18.05 -9.65
CA SER A 330 11.07 -18.75 -8.62
C SER A 330 10.15 -19.16 -7.46
N PRO A 331 10.52 -20.21 -6.71
CA PRO A 331 9.69 -20.65 -5.59
C PRO A 331 9.84 -19.73 -4.38
N ASN A 332 10.70 -18.73 -4.51
CA ASN A 332 10.93 -17.78 -3.42
C ASN A 332 10.10 -16.51 -3.62
N CYS A 333 9.41 -16.42 -4.75
CA CYS A 333 8.55 -15.26 -5.01
C CYS A 333 7.20 -15.55 -4.38
N ILE A 334 6.77 -14.68 -3.48
CA ILE A 334 5.49 -14.86 -2.80
C ILE A 334 4.50 -13.77 -3.19
N ALA A 335 4.68 -13.20 -4.38
CA ALA A 335 3.80 -12.14 -4.84
C ALA A 335 2.35 -12.60 -5.02
N ILE A 336 2.14 -13.83 -5.48
CA ILE A 336 0.78 -14.32 -5.66
C ILE A 336 0.10 -14.56 -4.32
N ASP A 337 0.86 -15.01 -3.32
CA ASP A 337 0.30 -15.23 -2.00
C ASP A 337 -0.06 -13.86 -1.38
N GLU A 338 0.82 -12.89 -1.55
CA GLU A 338 0.59 -11.56 -1.02
C GLU A 338 -0.67 -10.96 -1.65
N ALA A 339 -0.82 -11.16 -2.96
CA ALA A 339 -1.98 -10.65 -3.67
C ALA A 339 -3.25 -11.34 -3.16
N GLU A 340 -3.15 -12.64 -2.90
CA GLU A 340 -4.32 -13.35 -2.39
C GLU A 340 -4.72 -12.77 -1.04
N ASN A 341 -3.73 -12.55 -0.18
CA ASN A 341 -3.99 -12.02 1.15
C ASN A 341 -4.72 -10.68 1.22
N ARG A 342 -4.77 -9.94 0.11
CA ARG A 342 -5.50 -8.68 0.09
C ARG A 342 -6.94 -9.03 0.49
N LEU A 343 -7.42 -10.15 -0.03
CA LEU A 343 -8.77 -10.61 0.25
C LEU A 343 -9.04 -10.79 1.74
N HIS A 344 -8.25 -11.65 2.37
CA HIS A 344 -8.38 -11.98 3.78
C HIS A 344 -8.16 -10.80 4.73
N VAL A 345 -7.17 -9.98 4.41
CA VAL A 345 -6.85 -8.80 5.21
C VAL A 345 -7.94 -7.74 5.12
N GLN A 346 -8.47 -7.52 3.91
CA GLN A 346 -9.53 -6.53 3.74
C GLN A 346 -10.82 -6.95 4.44
N LYS A 347 -11.03 -8.27 4.54
CA LYS A 347 -12.23 -8.77 5.22
C LYS A 347 -12.07 -8.49 6.72
N ALA A 348 -10.85 -8.69 7.24
CA ALA A 348 -10.58 -8.44 8.65
C ALA A 348 -10.84 -6.96 8.97
N ILE A 349 -10.42 -6.07 8.08
CA ILE A 349 -10.62 -4.63 8.25
C ILE A 349 -12.10 -4.24 8.23
N MET A 350 -12.83 -4.73 7.23
CA MET A 350 -14.25 -4.43 7.13
C MET A 350 -15.00 -4.95 8.36
N ALA A 351 -14.63 -6.13 8.83
CA ALA A 351 -15.27 -6.70 10.00
C ALA A 351 -14.98 -5.89 11.26
N ALA A 352 -13.75 -5.37 11.37
CA ALA A 352 -13.39 -4.60 12.55
C ALA A 352 -14.07 -3.24 12.58
N LEU A 353 -14.27 -2.64 11.40
CA LEU A 353 -14.88 -1.32 11.33
C LEU A 353 -16.40 -1.30 11.50
N VAL A 354 -17.09 -2.37 11.13
CA VAL A 354 -18.54 -2.38 11.30
C VAL A 354 -18.87 -2.64 12.77
#